data_2ME3
#
_entry.id   2ME3
#
_entity_poly.entity_id   1
_entity_poly.type   'polypeptide(L)'
_entity_poly.pdbx_seq_one_letter_code
;EKDLLALDSWKNLWNWFNITNWLWYIK
;
_entity_poly.pdbx_strand_id   A
#
# COMPACT_ATOMS: atom_id res chain seq x y z
N GLU A 1 9.94 -8.80 -17.03
CA GLU A 1 9.34 -9.25 -15.74
C GLU A 1 9.04 -8.03 -14.85
N LYS A 2 8.42 -7.02 -15.39
CA LYS A 2 8.11 -5.81 -14.58
C LYS A 2 7.02 -4.98 -15.25
N ASP A 3 5.92 -5.60 -15.59
CA ASP A 3 4.81 -4.85 -16.25
C ASP A 3 4.30 -3.73 -15.33
N LEU A 4 3.26 -3.05 -15.73
CA LEU A 4 2.73 -1.95 -14.87
C LEU A 4 1.94 -2.54 -13.70
N LEU A 5 1.27 -3.62 -13.93
CA LEU A 5 0.48 -4.27 -12.84
C LEU A 5 1.33 -5.24 -12.04
N ALA A 6 2.63 -5.06 -12.05
CA ALA A 6 3.52 -5.97 -11.29
C ALA A 6 3.17 -5.88 -9.80
N LEU A 7 2.47 -6.87 -9.31
CA LEU A 7 2.08 -6.86 -7.86
C LEU A 7 3.32 -6.67 -6.99
N ASP A 8 4.46 -7.04 -7.49
CA ASP A 8 5.72 -6.86 -6.68
C ASP A 8 6.04 -5.37 -6.59
N SER A 9 5.65 -4.61 -7.59
CA SER A 9 5.92 -3.14 -7.57
C SER A 9 4.72 -2.41 -6.98
N TRP A 10 3.55 -2.98 -7.06
CA TRP A 10 2.33 -2.35 -6.51
C TRP A 10 2.32 -2.47 -4.98
N LYS A 11 2.86 -3.54 -4.46
CA LYS A 11 2.87 -3.73 -2.97
C LYS A 11 3.33 -2.43 -2.29
N ASN A 12 4.17 -1.67 -2.94
CA ASN A 12 4.64 -0.39 -2.34
C ASN A 12 3.47 0.60 -2.26
N LEU A 13 2.67 0.68 -3.28
CA LEU A 13 1.50 1.61 -3.25
C LEU A 13 0.45 1.11 -2.26
N TRP A 14 0.20 -0.17 -2.19
CA TRP A 14 -0.83 -0.68 -1.24
C TRP A 14 -0.38 -0.40 0.20
N ASN A 15 0.90 -0.39 0.45
CA ASN A 15 1.38 -0.13 1.84
C ASN A 15 1.39 1.38 2.12
N TRP A 16 1.50 2.17 1.08
CA TRP A 16 1.54 3.66 1.26
C TRP A 16 0.37 4.14 2.13
N PHE A 17 -0.84 3.86 1.72
CA PHE A 17 -2.02 4.29 2.51
C PHE A 17 -2.03 3.59 3.87
N ASN A 18 -1.52 4.24 4.89
CA ASN A 18 -1.50 3.61 6.24
C ASN A 18 -2.66 4.14 7.08
N ILE A 19 -3.85 4.15 6.54
CA ILE A 19 -5.03 4.65 7.30
C ILE A 19 -5.14 3.97 8.65
N THR A 20 -4.89 2.69 8.72
CA THR A 20 -4.99 2.02 10.04
C THR A 20 -4.06 2.73 11.03
N ASN A 21 -3.05 3.39 10.54
CA ASN A 21 -2.10 4.12 11.42
C ASN A 21 -2.75 5.41 11.92
N TRP A 22 -3.28 6.21 11.02
CA TRP A 22 -3.93 7.47 11.48
C TRP A 22 -5.37 7.24 11.91
N LEU A 23 -5.94 6.14 11.52
CA LEU A 23 -7.34 5.82 11.93
C LEU A 23 -7.38 5.46 13.42
N TRP A 24 -6.28 5.06 13.99
CA TRP A 24 -6.27 4.67 15.44
C TRP A 24 -6.93 5.75 16.32
N TYR A 25 -7.01 6.97 15.84
CA TYR A 25 -7.61 8.07 16.66
C TYR A 25 -9.06 8.39 16.25
N ILE A 26 -9.58 7.77 15.22
CA ILE A 26 -10.97 8.11 14.81
C ILE A 26 -12.00 7.43 15.71
N LYS A 27 -11.63 6.35 16.32
CA LYS A 27 -12.56 5.62 17.23
C LYS A 27 -12.84 6.46 18.49
N GLU A 1 9.36 -1.59 -15.88
CA GLU A 1 9.70 -2.89 -16.53
C GLU A 1 8.54 -3.88 -16.37
N LYS A 2 8.50 -4.91 -17.17
CA LYS A 2 7.40 -5.92 -17.07
C LYS A 2 6.03 -5.22 -17.11
N ASP A 3 4.98 -5.94 -16.85
CA ASP A 3 3.62 -5.33 -16.87
C ASP A 3 3.53 -4.23 -15.81
N LEU A 4 2.56 -3.36 -15.92
CA LEU A 4 2.40 -2.27 -14.93
C LEU A 4 1.66 -2.77 -13.69
N LEU A 5 0.91 -3.83 -13.85
CA LEU A 5 0.14 -4.39 -12.70
C LEU A 5 0.99 -5.38 -11.90
N ALA A 6 2.29 -5.27 -12.00
CA ALA A 6 3.17 -6.20 -11.24
C ALA A 6 2.92 -6.04 -9.75
N LEU A 7 2.22 -6.97 -9.16
CA LEU A 7 1.90 -6.89 -7.71
C LEU A 7 3.19 -6.71 -6.90
N ASP A 8 4.30 -7.12 -7.45
CA ASP A 8 5.60 -6.96 -6.72
C ASP A 8 5.95 -5.46 -6.66
N SER A 9 5.55 -4.72 -7.66
CA SER A 9 5.84 -3.26 -7.67
C SER A 9 4.68 -2.48 -7.06
N TRP A 10 3.50 -3.05 -7.08
CA TRP A 10 2.31 -2.37 -6.49
C TRP A 10 2.33 -2.47 -4.97
N LYS A 11 2.86 -3.53 -4.44
CA LYS A 11 2.88 -3.70 -2.95
C LYS A 11 3.37 -2.40 -2.28
N ASN A 12 4.19 -1.64 -2.95
CA ASN A 12 4.67 -0.36 -2.35
C ASN A 12 3.50 0.63 -2.26
N LEU A 13 2.66 0.69 -3.26
CA LEU A 13 1.51 1.63 -3.23
C LEU A 13 0.45 1.12 -2.24
N TRP A 14 0.19 -0.16 -2.20
CA TRP A 14 -0.84 -0.66 -1.25
C TRP A 14 -0.41 -0.40 0.19
N ASN A 15 0.87 -0.41 0.44
CA ASN A 15 1.36 -0.14 1.83
C ASN A 15 1.38 1.36 2.11
N TRP A 16 1.50 2.16 1.08
CA TRP A 16 1.54 3.64 1.25
C TRP A 16 0.38 4.12 2.12
N PHE A 17 -0.82 3.86 1.71
CA PHE A 17 -2.00 4.30 2.51
C PHE A 17 -2.10 3.47 3.79
N ASN A 18 -1.20 3.66 4.71
CA ASN A 18 -1.24 2.89 5.98
C ASN A 18 -1.91 3.73 7.08
N ILE A 19 -3.21 3.62 7.21
CA ILE A 19 -3.92 4.42 8.26
C ILE A 19 -3.38 4.04 9.63
N THR A 20 -3.04 2.81 9.83
CA THR A 20 -2.49 2.40 11.16
C THR A 20 -1.29 3.29 11.51
N ASN A 21 -0.60 3.79 10.51
CA ASN A 21 0.58 4.66 10.79
C ASN A 21 0.12 6.06 11.20
N TRP A 22 -0.80 6.64 10.47
CA TRP A 22 -1.28 8.00 10.87
C TRP A 22 -2.38 7.91 11.92
N LEU A 23 -2.97 6.76 12.07
CA LEU A 23 -4.02 6.57 13.12
C LEU A 23 -3.38 6.59 14.51
N TRP A 24 -2.11 6.32 14.60
CA TRP A 24 -1.43 6.31 15.93
C TRP A 24 -1.73 7.58 16.75
N TYR A 25 -2.12 8.65 16.09
CA TYR A 25 -2.39 9.92 16.80
C TYR A 25 -3.89 10.16 17.05
N ILE A 26 -4.76 9.32 16.56
CA ILE A 26 -6.22 9.56 16.77
C ILE A 26 -6.65 9.16 18.17
N LYS A 27 -5.92 8.27 18.78
CA LYS A 27 -6.28 7.83 20.16
C LYS A 27 -5.86 8.90 21.19
N GLU A 1 8.58 -9.35 -18.54
CA GLU A 1 8.51 -9.55 -17.07
C GLU A 1 8.57 -8.20 -16.36
N LYS A 2 7.91 -7.20 -16.89
CA LYS A 2 7.91 -5.87 -16.24
C LYS A 2 6.61 -5.12 -16.54
N ASP A 3 5.50 -5.80 -16.48
CA ASP A 3 4.19 -5.13 -16.76
C ASP A 3 3.94 -4.00 -15.75
N LEU A 4 2.86 -3.30 -15.89
CA LEU A 4 2.56 -2.20 -14.94
C LEU A 4 1.79 -2.73 -13.73
N LEU A 5 1.08 -3.80 -13.91
CA LEU A 5 0.29 -4.39 -12.80
C LEU A 5 1.15 -5.37 -11.98
N ALA A 6 2.44 -5.23 -12.03
CA ALA A 6 3.32 -6.15 -11.26
C ALA A 6 3.02 -6.01 -9.77
N LEU A 7 2.32 -6.95 -9.22
CA LEU A 7 1.96 -6.89 -7.78
C LEU A 7 3.23 -6.71 -6.93
N ASP A 8 4.36 -7.10 -7.45
CA ASP A 8 5.63 -6.94 -6.70
C ASP A 8 5.98 -5.44 -6.64
N SER A 9 5.58 -4.70 -7.63
CA SER A 9 5.87 -3.24 -7.65
C SER A 9 4.70 -2.47 -7.05
N TRP A 10 3.52 -3.04 -7.09
CA TRP A 10 2.32 -2.36 -6.51
C TRP A 10 2.33 -2.47 -4.99
N LYS A 11 2.87 -3.53 -4.45
CA LYS A 11 2.88 -3.70 -2.97
C LYS A 11 3.36 -2.41 -2.29
N ASN A 12 4.19 -1.65 -2.94
CA ASN A 12 4.66 -0.37 -2.34
C ASN A 12 3.51 0.63 -2.26
N LEU A 13 2.66 0.67 -3.25
CA LEU A 13 1.51 1.61 -3.22
C LEU A 13 0.45 1.12 -2.24
N TRP A 14 0.19 -0.16 -2.19
CA TRP A 14 -0.84 -0.67 -1.24
C TRP A 14 -0.41 -0.39 0.20
N ASN A 15 0.87 -0.41 0.46
CA ASN A 15 1.35 -0.13 1.85
C ASN A 15 1.38 1.37 2.11
N TRP A 16 1.49 2.16 1.08
CA TRP A 16 1.54 3.65 1.23
C TRP A 16 0.39 4.13 2.11
N PHE A 17 -0.83 3.86 1.72
CA PHE A 17 -2.00 4.32 2.52
C PHE A 17 -2.19 3.40 3.73
N ASN A 18 -1.22 3.35 4.60
CA ASN A 18 -1.34 2.48 5.80
C ASN A 18 -1.82 3.30 7.01
N ILE A 19 -3.11 3.33 7.23
CA ILE A 19 -3.66 4.10 8.38
C ILE A 19 -3.15 3.51 9.70
N THR A 20 -2.97 2.22 9.76
CA THR A 20 -2.47 1.59 11.03
C THR A 20 -1.21 2.31 11.53
N ASN A 21 -0.48 2.92 10.64
CA ASN A 21 0.74 3.67 11.07
C ASN A 21 0.35 5.07 11.54
N TRP A 22 -0.79 5.54 11.10
CA TRP A 22 -1.28 6.89 11.48
C TRP A 22 -1.93 6.87 12.87
N LEU A 23 -2.43 5.74 13.27
CA LEU A 23 -3.12 5.65 14.58
C LEU A 23 -2.13 5.59 15.75
N TRP A 24 -0.89 5.26 15.49
CA TRP A 24 0.12 5.17 16.58
C TRP A 24 0.06 6.41 17.48
N TYR A 25 -0.37 7.52 16.95
CA TYR A 25 -0.47 8.77 17.76
C TYR A 25 -1.85 8.90 18.42
N ILE A 26 -2.85 8.32 17.83
CA ILE A 26 -4.21 8.46 18.44
C ILE A 26 -4.84 7.10 18.74
N LYS A 27 -5.44 6.49 17.77
CA LYS A 27 -6.08 5.16 17.99
C LYS A 27 -5.01 4.09 18.24
N GLU A 1 11.24 -7.98 -17.35
CA GLU A 1 9.93 -8.50 -16.84
C GLU A 1 9.41 -7.59 -15.72
N LYS A 2 8.85 -6.47 -16.06
CA LYS A 2 8.32 -5.54 -15.02
C LYS A 2 7.16 -4.72 -15.58
N ASP A 3 6.04 -5.35 -15.84
CA ASP A 3 4.87 -4.61 -16.39
C ASP A 3 4.41 -3.55 -15.39
N LEU A 4 3.33 -2.87 -15.67
CA LEU A 4 2.82 -1.83 -14.73
C LEU A 4 2.00 -2.48 -13.62
N LEU A 5 1.32 -3.55 -13.93
CA LEU A 5 0.49 -4.24 -12.91
C LEU A 5 1.33 -5.23 -12.10
N ALA A 6 2.62 -5.08 -12.10
CA ALA A 6 3.49 -6.00 -11.31
C ALA A 6 3.12 -5.90 -9.84
N LEU A 7 2.41 -6.87 -9.35
CA LEU A 7 1.99 -6.84 -7.91
C LEU A 7 3.22 -6.67 -7.02
N ASP A 8 4.35 -7.09 -7.49
CA ASP A 8 5.61 -6.93 -6.70
C ASP A 8 5.97 -5.45 -6.62
N SER A 9 5.58 -4.68 -7.62
CA SER A 9 5.88 -3.23 -7.62
C SER A 9 4.70 -2.46 -7.02
N TRP A 10 3.53 -3.02 -7.07
CA TRP A 10 2.32 -2.36 -6.50
C TRP A 10 2.32 -2.47 -4.98
N LYS A 11 2.86 -3.53 -4.45
CA LYS A 11 2.89 -3.70 -2.96
C LYS A 11 3.36 -2.41 -2.29
N ASN A 12 4.18 -1.65 -2.94
CA ASN A 12 4.66 -0.37 -2.34
C ASN A 12 3.49 0.62 -2.25
N LEU A 13 2.66 0.68 -3.26
CA LEU A 13 1.50 1.62 -3.22
C LEU A 13 0.44 1.12 -2.24
N TRP A 14 0.19 -0.16 -2.19
CA TRP A 14 -0.85 -0.67 -1.24
C TRP A 14 -0.40 -0.39 0.19
N ASN A 15 0.88 -0.41 0.46
CA ASN A 15 1.37 -0.14 1.83
C ASN A 15 1.39 1.37 2.10
N TRP A 16 1.50 2.15 1.07
CA TRP A 16 1.54 3.64 1.22
C TRP A 16 0.39 4.13 2.10
N PHE A 17 -0.82 3.86 1.70
CA PHE A 17 -1.99 4.30 2.50
C PHE A 17 -2.20 3.37 3.70
N ASN A 18 -1.34 3.45 4.68
CA ASN A 18 -1.48 2.58 5.87
C ASN A 18 -2.32 3.27 6.95
N ILE A 19 -3.59 2.97 7.01
CA ILE A 19 -4.48 3.60 8.01
C ILE A 19 -3.90 3.45 9.41
N THR A 20 -3.30 2.33 9.71
CA THR A 20 -2.71 2.17 11.06
C THR A 20 -1.70 3.31 11.30
N ASN A 21 -1.16 3.85 10.22
CA ASN A 21 -0.19 4.97 10.35
C ASN A 21 -0.92 6.26 10.72
N TRP A 22 -1.96 6.61 10.00
CA TRP A 22 -2.69 7.87 10.35
C TRP A 22 -3.72 7.61 11.45
N LEU A 23 -4.08 6.37 11.65
CA LEU A 23 -5.06 6.05 12.73
C LEU A 23 -4.40 6.22 14.10
N TRP A 24 -3.10 6.12 14.17
CA TRP A 24 -2.40 6.26 15.48
C TRP A 24 -2.86 7.52 16.22
N TYR A 25 -3.35 8.50 15.49
CA TYR A 25 -3.79 9.76 16.14
C TYR A 25 -5.31 9.74 16.38
N ILE A 26 -6.05 8.95 15.65
CA ILE A 26 -7.53 8.91 15.89
C ILE A 26 -8.00 7.49 16.21
N LYS A 27 -8.24 6.71 15.20
CA LYS A 27 -8.71 5.31 15.43
C LYS A 27 -7.54 4.33 15.23
N GLU A 1 11.49 -7.03 -16.43
CA GLU A 1 11.49 -7.92 -15.24
C GLU A 1 10.07 -8.37 -14.90
N LYS A 2 9.23 -7.47 -14.52
CA LYS A 2 7.82 -7.84 -14.18
C LYS A 2 6.84 -6.96 -14.94
N ASP A 3 5.61 -7.40 -15.08
CA ASP A 3 4.60 -6.58 -15.82
C ASP A 3 4.38 -5.25 -15.11
N LEU A 4 3.26 -4.62 -15.36
CA LEU A 4 2.98 -3.31 -14.69
C LEU A 4 2.21 -3.54 -13.39
N LEU A 5 1.30 -4.46 -13.40
CA LEU A 5 0.50 -4.74 -12.18
C LEU A 5 1.16 -5.80 -11.31
N ALA A 6 2.44 -5.99 -11.46
CA ALA A 6 3.14 -6.98 -10.62
C ALA A 6 2.99 -6.52 -9.17
N LEU A 7 2.29 -7.27 -8.39
CA LEU A 7 2.05 -6.86 -6.98
C LEU A 7 3.39 -6.56 -6.30
N ASP A 8 4.45 -7.11 -6.80
CA ASP A 8 5.79 -6.80 -6.21
C ASP A 8 6.08 -5.31 -6.41
N SER A 9 5.52 -4.74 -7.45
CA SER A 9 5.73 -3.30 -7.73
C SER A 9 4.59 -2.49 -7.09
N TRP A 10 3.42 -3.06 -7.05
CA TRP A 10 2.24 -2.37 -6.46
C TRP A 10 2.28 -2.47 -4.93
N LYS A 11 2.84 -3.52 -4.40
CA LYS A 11 2.90 -3.66 -2.92
C LYS A 11 3.39 -2.37 -2.27
N ASN A 12 4.23 -1.63 -2.95
CA ASN A 12 4.73 -0.35 -2.38
C ASN A 12 3.57 0.66 -2.29
N LEU A 13 2.71 0.69 -3.27
CA LEU A 13 1.55 1.63 -3.23
C LEU A 13 0.48 1.12 -2.26
N TRP A 14 0.22 -0.16 -2.22
CA TRP A 14 -0.82 -0.67 -1.29
C TRP A 14 -0.40 -0.42 0.16
N ASN A 15 0.88 -0.42 0.44
CA ASN A 15 1.33 -0.17 1.83
C ASN A 15 1.36 1.34 2.11
N TRP A 16 1.47 2.14 1.08
CA TRP A 16 1.52 3.62 1.26
C TRP A 16 0.36 4.10 2.12
N PHE A 17 -0.85 3.84 1.70
CA PHE A 17 -2.04 4.27 2.50
C PHE A 17 -2.18 3.40 3.76
N ASN A 18 -1.42 3.69 4.78
CA ASN A 18 -1.52 2.90 6.04
C ASN A 18 -2.60 3.46 6.95
N ILE A 19 -3.82 3.48 6.48
CA ILE A 19 -4.94 4.01 7.33
C ILE A 19 -5.11 3.17 8.59
N THR A 20 -4.91 1.88 8.49
CA THR A 20 -5.08 1.00 9.69
C THR A 20 -4.28 1.57 10.89
N ASN A 21 -3.23 2.29 10.62
CA ASN A 21 -2.44 2.89 11.73
C ASN A 21 -3.10 4.20 12.17
N TRP A 22 -3.85 4.80 11.29
CA TRP A 22 -4.55 6.08 11.63
C TRP A 22 -5.76 5.83 12.53
N LEU A 23 -6.27 4.63 12.50
CA LEU A 23 -7.48 4.32 13.31
C LEU A 23 -7.14 4.13 14.78
N TRP A 24 -5.90 3.89 15.10
CA TRP A 24 -5.51 3.68 16.54
C TRP A 24 -6.17 4.74 17.44
N TYR A 25 -6.43 5.90 16.90
CA TYR A 25 -7.06 7.00 17.69
C TYR A 25 -8.56 6.78 17.87
N ILE A 26 -9.24 6.22 16.90
CA ILE A 26 -10.71 6.05 17.05
C ILE A 26 -11.12 4.57 16.95
N LYS A 27 -10.18 3.68 16.84
CA LYS A 27 -10.52 2.23 16.74
C LYS A 27 -10.52 1.59 18.13
N GLU A 1 10.81 -6.06 -19.33
CA GLU A 1 10.48 -7.22 -18.44
C GLU A 1 9.85 -6.74 -17.14
N LYS A 2 8.94 -5.79 -17.22
CA LYS A 2 8.30 -5.27 -15.98
C LYS A 2 6.93 -4.66 -16.32
N ASP A 3 5.89 -5.44 -16.26
CA ASP A 3 4.53 -4.91 -16.58
C ASP A 3 4.16 -3.79 -15.59
N LEU A 4 3.06 -3.13 -15.82
CA LEU A 4 2.64 -2.03 -14.91
C LEU A 4 1.88 -2.61 -13.71
N LEU A 5 1.20 -3.70 -13.92
CA LEU A 5 0.42 -4.33 -12.83
C LEU A 5 1.29 -5.30 -12.02
N ALA A 6 2.57 -5.12 -12.06
CA ALA A 6 3.47 -6.02 -11.29
C ALA A 6 3.15 -5.92 -9.81
N LEU A 7 2.46 -6.89 -9.29
CA LEU A 7 2.08 -6.86 -7.85
C LEU A 7 3.32 -6.68 -6.98
N ASP A 8 4.47 -7.04 -7.48
CA ASP A 8 5.72 -6.86 -6.71
C ASP A 8 6.04 -5.37 -6.61
N SER A 9 5.65 -4.62 -7.60
CA SER A 9 5.91 -3.15 -7.59
C SER A 9 4.71 -2.40 -6.99
N TRP A 10 3.55 -2.99 -7.07
CA TRP A 10 2.32 -2.36 -6.50
C TRP A 10 2.32 -2.47 -4.97
N LYS A 11 2.86 -3.54 -4.46
CA LYS A 11 2.87 -3.73 -2.97
C LYS A 11 3.34 -2.43 -2.29
N ASN A 12 4.17 -1.67 -2.94
CA ASN A 12 4.64 -0.39 -2.34
C ASN A 12 3.48 0.60 -2.26
N LEU A 13 2.67 0.68 -3.28
CA LEU A 13 1.50 1.61 -3.25
C LEU A 13 0.45 1.11 -2.26
N TRP A 14 0.21 -0.16 -2.20
CA TRP A 14 -0.83 -0.67 -1.24
C TRP A 14 -0.38 -0.39 0.19
N ASN A 15 0.90 -0.39 0.45
CA ASN A 15 1.38 -0.13 1.84
C ASN A 15 1.39 1.38 2.12
N TRP A 16 1.50 2.18 1.09
CA TRP A 16 1.53 3.66 1.27
C TRP A 16 0.36 4.12 2.14
N PHE A 17 -0.84 3.86 1.72
CA PHE A 17 -2.03 4.28 2.53
C PHE A 17 -2.00 3.62 3.90
N ASN A 18 -1.40 4.26 4.86
CA ASN A 18 -1.32 3.66 6.23
C ASN A 18 -2.44 4.24 7.11
N ILE A 19 -3.68 4.08 6.70
CA ILE A 19 -4.82 4.63 7.49
C ILE A 19 -4.74 4.17 8.95
N THR A 20 -3.99 3.13 9.23
CA THR A 20 -3.88 2.69 10.64
C THR A 20 -2.81 3.52 11.36
N ASN A 21 -1.88 4.05 10.63
CA ASN A 21 -0.79 4.88 11.24
C ASN A 21 -1.28 6.28 11.57
N TRP A 22 -1.84 6.95 10.59
CA TRP A 22 -2.32 8.35 10.82
C TRP A 22 -3.46 8.34 11.84
N LEU A 23 -4.07 7.21 12.05
CA LEU A 23 -5.20 7.11 13.01
C LEU A 23 -4.69 7.27 14.45
N TRP A 24 -3.43 7.07 14.68
CA TRP A 24 -2.86 7.18 16.06
C TRP A 24 -3.38 8.44 16.78
N TYR A 25 -3.62 9.49 16.05
CA TYR A 25 -4.09 10.75 16.69
C TYR A 25 -5.55 10.62 17.16
N ILE A 26 -6.34 9.76 16.56
CA ILE A 26 -7.74 9.61 17.04
C ILE A 26 -7.97 8.21 17.60
N LYS A 27 -8.26 7.26 16.76
CA LYS A 27 -8.49 5.87 17.22
C LYS A 27 -7.17 5.09 17.25
N GLU A 1 12.95 -4.54 -14.49
CA GLU A 1 12.46 -5.94 -14.59
C GLU A 1 11.08 -6.07 -13.96
N LYS A 2 10.12 -5.33 -14.45
CA LYS A 2 8.74 -5.41 -13.88
C LYS A 2 7.75 -4.70 -14.79
N ASP A 3 6.58 -5.25 -14.96
CA ASP A 3 5.56 -4.61 -15.84
C ASP A 3 4.81 -3.51 -15.07
N LEU A 4 3.64 -3.15 -15.51
CA LEU A 4 2.87 -2.10 -14.79
C LEU A 4 2.06 -2.71 -13.65
N LEU A 5 1.36 -3.76 -13.94
CA LEU A 5 0.52 -4.43 -12.90
C LEU A 5 1.36 -5.39 -12.07
N ALA A 6 2.65 -5.24 -12.07
CA ALA A 6 3.52 -6.14 -11.27
C ALA A 6 3.17 -6.00 -9.79
N LEU A 7 2.47 -6.96 -9.27
CA LEU A 7 2.07 -6.90 -7.83
C LEU A 7 3.29 -6.68 -6.95
N ASP A 8 4.44 -7.09 -7.42
CA ASP A 8 5.69 -6.89 -6.64
C ASP A 8 6.00 -5.39 -6.58
N SER A 9 5.62 -4.66 -7.59
CA SER A 9 5.88 -3.19 -7.61
C SER A 9 4.67 -2.44 -7.03
N TRP A 10 3.51 -3.02 -7.12
CA TRP A 10 2.28 -2.37 -6.58
C TRP A 10 2.27 -2.46 -5.05
N LYS A 11 2.82 -3.52 -4.51
CA LYS A 11 2.84 -3.66 -3.02
C LYS A 11 3.36 -2.37 -2.37
N ASN A 12 4.27 -1.70 -3.02
CA ASN A 12 4.81 -0.43 -2.46
C ASN A 12 3.71 0.62 -2.40
N LEU A 13 2.72 0.53 -3.25
CA LEU A 13 1.60 1.51 -3.22
C LEU A 13 0.52 1.06 -2.22
N TRP A 14 0.26 -0.21 -2.13
CA TRP A 14 -0.81 -0.68 -1.19
C TRP A 14 -0.42 -0.37 0.26
N ASN A 15 0.85 -0.37 0.58
CA ASN A 15 1.25 -0.07 1.99
C ASN A 15 1.29 1.45 2.22
N TRP A 16 1.40 2.21 1.16
CA TRP A 16 1.45 3.70 1.28
C TRP A 16 0.28 4.21 2.13
N PHE A 17 -0.93 3.93 1.71
CA PHE A 17 -2.11 4.40 2.49
C PHE A 17 -2.27 3.56 3.76
N ASN A 18 -2.72 4.16 4.83
CA ASN A 18 -2.90 3.40 6.09
C ASN A 18 -4.33 2.86 6.20
N ILE A 19 -4.84 2.31 5.13
CA ILE A 19 -6.24 1.78 5.16
C ILE A 19 -6.30 0.54 6.06
N THR A 20 -5.22 -0.20 6.15
CA THR A 20 -5.23 -1.42 7.01
C THR A 20 -5.71 -1.08 8.42
N ASN A 21 -5.54 0.13 8.84
CA ASN A 21 -6.01 0.54 10.20
C ASN A 21 -7.50 0.90 10.13
N TRP A 22 -7.98 1.14 8.94
CA TRP A 22 -9.42 1.51 8.76
C TRP A 22 -10.29 0.27 8.59
N LEU A 23 -9.74 -0.78 8.08
CA LEU A 23 -10.54 -2.01 7.83
C LEU A 23 -10.81 -2.78 9.13
N TRP A 24 -10.02 -2.56 10.15
CA TRP A 24 -10.21 -3.29 11.43
C TRP A 24 -11.67 -3.17 11.89
N TYR A 25 -12.34 -2.12 11.48
CA TYR A 25 -13.76 -1.92 11.89
C TYR A 25 -14.71 -2.36 10.76
N ILE A 26 -14.26 -2.33 9.53
CA ILE A 26 -15.17 -2.76 8.43
C ILE A 26 -14.55 -3.89 7.62
N LYS A 27 -13.72 -3.57 6.67
CA LYS A 27 -13.08 -4.63 5.84
C LYS A 27 -12.05 -5.40 6.66
N GLU A 1 9.58 -1.85 -15.02
CA GLU A 1 10.02 -3.28 -14.98
C GLU A 1 8.84 -4.21 -15.25
N LYS A 2 8.97 -5.09 -16.20
CA LYS A 2 7.86 -6.04 -16.52
C LYS A 2 6.55 -5.27 -16.75
N ASP A 3 5.43 -5.95 -16.69
CA ASP A 3 4.12 -5.26 -16.90
C ASP A 3 3.94 -4.15 -15.88
N LEU A 4 2.85 -3.43 -15.96
CA LEU A 4 2.60 -2.34 -14.98
C LEU A 4 1.80 -2.86 -13.78
N LEU A 5 1.07 -3.92 -13.98
CA LEU A 5 0.26 -4.49 -12.86
C LEU A 5 1.08 -5.47 -12.03
N ALA A 6 2.38 -5.38 -12.09
CA ALA A 6 3.24 -6.29 -11.31
C ALA A 6 2.95 -6.11 -9.82
N LEU A 7 2.25 -7.03 -9.24
CA LEU A 7 1.89 -6.93 -7.80
C LEU A 7 3.16 -6.73 -6.96
N ASP A 8 4.27 -7.19 -7.46
CA ASP A 8 5.55 -7.01 -6.72
C ASP A 8 5.92 -5.53 -6.69
N SER A 9 5.52 -4.79 -7.70
CA SER A 9 5.81 -3.33 -7.73
C SER A 9 4.65 -2.54 -7.13
N TRP A 10 3.47 -3.11 -7.15
CA TRP A 10 2.28 -2.41 -6.59
C TRP A 10 2.29 -2.48 -5.06
N LYS A 11 2.83 -3.53 -4.50
CA LYS A 11 2.86 -3.66 -3.01
C LYS A 11 3.38 -2.36 -2.37
N ASN A 12 4.28 -1.68 -3.04
CA ASN A 12 4.82 -0.40 -2.48
C ASN A 12 3.71 0.64 -2.41
N LEU A 13 2.72 0.55 -3.25
CA LEU A 13 1.59 1.53 -3.22
C LEU A 13 0.51 1.08 -2.23
N TRP A 14 0.25 -0.19 -2.14
CA TRP A 14 -0.82 -0.65 -1.20
C TRP A 14 -0.43 -0.36 0.25
N ASN A 15 0.84 -0.37 0.57
CA ASN A 15 1.23 -0.08 1.98
C ASN A 15 1.26 1.43 2.22
N TRP A 16 1.40 2.21 1.19
CA TRP A 16 1.46 3.70 1.33
C TRP A 16 0.28 4.20 2.17
N PHE A 17 -0.92 3.93 1.72
CA PHE A 17 -2.13 4.39 2.47
C PHE A 17 -2.15 3.75 3.87
N ASN A 18 -1.66 4.45 4.86
CA ASN A 18 -1.65 3.90 6.24
C ASN A 18 -3.01 4.10 6.91
N ILE A 19 -4.05 3.56 6.32
CA ILE A 19 -5.41 3.71 6.90
C ILE A 19 -5.53 2.94 8.22
N THR A 20 -4.82 1.85 8.36
CA THR A 20 -4.91 1.05 9.63
C THR A 20 -4.68 1.96 10.84
N ASN A 21 -3.97 3.05 10.67
CA ASN A 21 -3.73 3.97 11.80
C ASN A 21 -4.92 4.95 11.92
N TRP A 22 -5.69 5.06 10.86
CA TRP A 22 -6.86 5.98 10.87
C TRP A 22 -8.10 5.31 11.45
N LEU A 23 -8.15 4.01 11.41
CA LEU A 23 -9.36 3.29 11.90
C LEU A 23 -9.37 3.16 13.43
N TRP A 24 -8.26 3.33 14.06
CA TRP A 24 -8.21 3.20 15.54
C TRP A 24 -9.34 4.02 16.22
N TYR A 25 -9.83 5.03 15.55
CA TYR A 25 -10.91 5.88 16.14
C TYR A 25 -12.30 5.55 15.58
N ILE A 26 -12.41 4.67 14.63
CA ILE A 26 -13.76 4.37 14.06
C ILE A 26 -14.54 3.44 14.98
N LYS A 27 -13.85 2.66 15.76
CA LYS A 27 -14.54 1.72 16.69
C LYS A 27 -14.98 2.46 17.95
N GLU A 1 9.99 -1.33 -13.60
CA GLU A 1 10.40 -2.75 -13.69
C GLU A 1 9.20 -3.64 -14.02
N LYS A 2 9.38 -4.65 -14.83
CA LYS A 2 8.25 -5.56 -15.19
C LYS A 2 7.07 -4.74 -15.71
N ASP A 3 5.95 -5.38 -15.96
CA ASP A 3 4.76 -4.64 -16.47
C ASP A 3 4.33 -3.57 -15.46
N LEU A 4 3.27 -2.85 -15.76
CA LEU A 4 2.81 -1.79 -14.81
C LEU A 4 2.01 -2.42 -13.67
N LEU A 5 1.34 -3.50 -13.95
CA LEU A 5 0.52 -4.18 -12.91
C LEU A 5 1.37 -5.18 -12.11
N ALA A 6 2.67 -5.01 -12.12
CA ALA A 6 3.54 -5.93 -11.35
C ALA A 6 3.20 -5.85 -9.87
N LEU A 7 2.50 -6.83 -9.38
CA LEU A 7 2.10 -6.82 -7.94
C LEU A 7 3.34 -6.64 -7.06
N ASP A 8 4.48 -7.01 -7.56
CA ASP A 8 5.73 -6.83 -6.75
C ASP A 8 6.05 -5.35 -6.64
N SER A 9 5.65 -4.58 -7.62
CA SER A 9 5.92 -3.11 -7.59
C SER A 9 4.71 -2.38 -6.98
N TRP A 10 3.55 -2.97 -7.06
CA TRP A 10 2.33 -2.34 -6.50
C TRP A 10 2.32 -2.47 -4.98
N LYS A 11 2.87 -3.54 -4.46
CA LYS A 11 2.87 -3.73 -2.98
C LYS A 11 3.34 -2.44 -2.28
N ASN A 12 4.16 -1.68 -2.93
CA ASN A 12 4.63 -0.39 -2.32
C ASN A 12 3.46 0.59 -2.25
N LEU A 13 2.66 0.68 -3.28
CA LEU A 13 1.51 1.61 -3.25
C LEU A 13 0.45 1.11 -2.26
N TRP A 14 0.21 -0.17 -2.19
CA TRP A 14 -0.83 -0.68 -1.24
C TRP A 14 -0.38 -0.40 0.20
N ASN A 15 0.91 -0.39 0.45
CA ASN A 15 1.39 -0.12 1.83
C ASN A 15 1.39 1.39 2.11
N TRP A 16 1.50 2.18 1.08
CA TRP A 16 1.52 3.67 1.25
C TRP A 16 0.36 4.13 2.12
N PHE A 17 -0.84 3.86 1.70
CA PHE A 17 -2.03 4.28 2.50
C PHE A 17 -2.01 3.61 3.87
N ASN A 18 -2.21 4.38 4.92
CA ASN A 18 -2.20 3.79 6.29
C ASN A 18 -3.63 3.56 6.78
N ILE A 19 -4.46 2.96 5.96
CA ILE A 19 -5.87 2.70 6.36
C ILE A 19 -5.90 1.69 7.50
N THR A 20 -4.98 0.77 7.53
CA THR A 20 -4.95 -0.25 8.63
C THR A 20 -5.04 0.44 10.00
N ASN A 21 -4.59 1.66 10.09
CA ASN A 21 -4.66 2.39 11.39
C ASN A 21 -6.06 3.00 11.53
N TRP A 22 -6.74 3.17 10.44
CA TRP A 22 -8.11 3.77 10.47
C TRP A 22 -9.15 2.71 10.80
N LEU A 23 -8.88 1.49 10.46
CA LEU A 23 -9.88 0.41 10.71
C LEU A 23 -9.91 -0.01 12.17
N TRP A 24 -8.88 0.29 12.92
CA TRP A 24 -8.85 -0.09 14.36
C TRP A 24 -10.12 0.40 15.06
N TYR A 25 -10.71 1.45 14.56
CA TYR A 25 -11.95 2.00 15.18
C TYR A 25 -13.19 1.53 14.41
N ILE A 26 -13.06 1.19 13.15
CA ILE A 26 -14.26 0.73 12.40
C ILE A 26 -14.01 -0.66 11.80
N LYS A 27 -13.42 -0.71 10.65
CA LYS A 27 -13.15 -2.02 10.00
C LYS A 27 -12.06 -2.78 10.76
N GLU A 1 12.32 -6.06 -16.46
CA GLU A 1 11.53 -6.64 -15.33
C GLU A 1 10.84 -5.53 -14.56
N LYS A 2 9.81 -4.95 -15.13
CA LYS A 2 9.08 -3.86 -14.41
C LYS A 2 7.75 -3.57 -15.11
N ASP A 3 6.88 -4.54 -15.17
CA ASP A 3 5.56 -4.33 -15.82
C ASP A 3 4.78 -3.24 -15.10
N LEU A 4 3.52 -3.07 -15.43
CA LEU A 4 2.70 -2.03 -14.75
C LEU A 4 1.94 -2.63 -13.58
N LEU A 5 1.20 -3.66 -13.85
CA LEU A 5 0.40 -4.32 -12.79
C LEU A 5 1.25 -5.31 -11.98
N ALA A 6 2.56 -5.16 -12.03
CA ALA A 6 3.44 -6.07 -11.26
C ALA A 6 3.13 -5.94 -9.77
N LEU A 7 2.45 -6.91 -9.23
CA LEU A 7 2.09 -6.86 -7.79
C LEU A 7 3.34 -6.65 -6.94
N ASP A 8 4.47 -7.05 -7.46
CA ASP A 8 5.75 -6.85 -6.69
C ASP A 8 6.06 -5.36 -6.61
N SER A 9 5.65 -4.62 -7.60
CA SER A 9 5.91 -3.15 -7.59
C SER A 9 4.70 -2.41 -6.99
N TRP A 10 3.54 -2.99 -7.07
CA TRP A 10 2.32 -2.36 -6.50
C TRP A 10 2.32 -2.47 -4.97
N LYS A 11 2.86 -3.54 -4.45
CA LYS A 11 2.88 -3.72 -2.97
C LYS A 11 3.34 -2.43 -2.29
N ASN A 12 4.17 -1.67 -2.95
CA ASN A 12 4.65 -0.39 -2.35
C ASN A 12 3.48 0.60 -2.26
N LEU A 13 2.67 0.68 -3.28
CA LEU A 13 1.50 1.61 -3.25
C LEU A 13 0.45 1.11 -2.26
N TRP A 14 0.21 -0.16 -2.20
CA TRP A 14 -0.83 -0.67 -1.24
C TRP A 14 -0.38 -0.39 0.19
N ASN A 15 0.90 -0.39 0.45
CA ASN A 15 1.38 -0.13 1.84
C ASN A 15 1.39 1.38 2.12
N TRP A 16 1.50 2.17 1.08
CA TRP A 16 1.53 3.66 1.26
C TRP A 16 0.36 4.13 2.13
N PHE A 17 -0.84 3.86 1.72
CA PHE A 17 -2.03 4.29 2.51
C PHE A 17 -2.01 3.63 3.89
N ASN A 18 -1.36 4.23 4.84
CA ASN A 18 -1.30 3.64 6.21
C ASN A 18 -2.14 4.47 7.18
N ILE A 19 -3.44 4.25 7.19
CA ILE A 19 -4.33 5.04 8.12
C ILE A 19 -3.80 4.93 9.54
N THR A 20 -3.33 3.77 9.93
CA THR A 20 -2.80 3.63 11.30
C THR A 20 -1.73 4.69 11.55
N ASN A 21 -1.09 5.14 10.50
CA ASN A 21 -0.04 6.19 10.64
C ASN A 21 -0.70 7.54 10.95
N TRP A 22 -1.69 7.92 10.16
CA TRP A 22 -2.36 9.22 10.45
C TRP A 22 -3.48 9.05 11.47
N LEU A 23 -3.93 7.85 11.67
CA LEU A 23 -4.98 7.59 12.69
C LEU A 23 -4.39 7.77 14.09
N TRP A 24 -3.10 7.59 14.24
CA TRP A 24 -2.46 7.74 15.58
C TRP A 24 -2.85 9.08 16.21
N TYR A 25 -3.22 10.04 15.40
CA TYR A 25 -3.60 11.38 15.94
C TYR A 25 -5.12 11.47 16.11
N ILE A 26 -5.88 10.71 15.38
CA ILE A 26 -7.36 10.79 15.55
C ILE A 26 -7.95 9.41 15.88
N LYS A 27 -8.20 8.62 14.89
CA LYS A 27 -8.77 7.26 15.14
C LYS A 27 -7.69 6.19 15.04
#